data_4U13
#
_entry.id   4U13
#
_cell.length_a   47.764
_cell.length_b   42.295
_cell.length_c   62.287
_cell.angle_alpha   90.000
_cell.angle_beta   111.830
_cell.angle_gamma   90.000
#
_symmetry.space_group_name_H-M   'P 1 21 1'
#
loop_
_entity.id
_entity.type
_entity.pdbx_description
1 polymer 'putative polyketide cyclase SMa1630'
2 water water
#
_entity_poly.entity_id   1
_entity_poly.type   'polypeptide(L)'
_entity_poly.pdbx_seq_one_letter_code
;FQS(MSE)DLPDIVN(MSE)YFDADSCNDTDALSETFAPDAVVEDEGARHQGVVAILRWWVAAKKAASYVAEPLESTVDG
DKALVRAKVSGRFPGSPVTLTYSFTIKDGRIARLEIQ
;
_entity_poly.pdbx_strand_id   A,B
#
# COMPACT_ATOMS: atom_id res chain seq x y z
N PHE A 1 -9.43 -6.86 9.43
CA PHE A 1 -9.17 -5.42 9.13
C PHE A 1 -9.04 -5.09 7.61
N GLN A 2 -9.42 -3.85 7.29
CA GLN A 2 -9.50 -3.37 5.91
C GLN A 2 -9.25 -1.87 5.90
N SER A 3 -8.63 -1.37 4.83
CA SER A 3 -8.45 0.07 4.61
C SER A 3 -9.68 0.91 4.92
N MSE A 4 -10.83 0.54 4.37
CA MSE A 4 -12.05 1.35 4.55
C MSE A 4 -12.41 1.56 6.01
O MSE A 4 -13.16 2.46 6.32
CB MSE A 4 -13.21 0.81 3.71
CG MSE A 4 -13.50 -0.66 4.01
SE MSE A 4 -15.44 -1.07 3.87
CE MSE A 4 -15.81 -1.49 5.76
N ASP A 5 -11.86 0.75 6.94
CA ASP A 5 -12.08 0.94 8.39
C ASP A 5 -11.40 2.20 8.89
N LEU A 6 -10.48 2.74 8.11
CA LEU A 6 -9.72 3.91 8.55
C LEU A 6 -10.36 5.16 8.04
N PRO A 7 -10.30 6.25 8.80
CA PRO A 7 -10.65 7.58 8.24
C PRO A 7 -9.83 7.88 6.97
N ASP A 8 -10.40 8.56 5.99
CA ASP A 8 -9.66 8.81 4.75
C ASP A 8 -8.26 9.37 4.99
N ILE A 9 -8.16 10.28 5.94
CA ILE A 9 -6.92 10.98 6.15
C ILE A 9 -5.79 10.09 6.71
N VAL A 10 -6.13 9.14 7.59
CA VAL A 10 -5.19 8.19 8.11
C VAL A 10 -4.72 7.31 6.96
N ASN A 11 -5.64 6.92 6.13
CA ASN A 11 -5.29 6.13 4.98
C ASN A 11 -4.32 6.82 3.99
N MSE A 12 -4.47 8.13 3.87
CA MSE A 12 -3.58 8.94 3.06
C MSE A 12 -2.18 8.98 3.63
O MSE A 12 -1.22 8.89 2.89
CB MSE A 12 -4.19 10.34 2.99
CG MSE A 12 -3.49 11.27 1.98
SE MSE A 12 -4.29 13.13 2.01
CE MSE A 12 -6.19 12.59 1.63
N TYR A 13 -2.06 9.10 4.95
CA TYR A 13 -0.79 8.96 5.63
C TYR A 13 -0.04 7.70 5.22
N PHE A 14 -0.67 6.53 5.35
CA PHE A 14 0.02 5.27 5.09
C PHE A 14 0.30 5.03 3.63
N ASP A 15 -0.54 5.55 2.75
CA ASP A 15 -0.34 5.39 1.27
C ASP A 15 0.89 6.19 0.82
N ALA A 16 0.98 7.36 1.43
CA ALA A 16 2.07 8.26 1.14
C ALA A 16 3.38 7.83 1.77
N ASP A 17 3.32 7.41 3.03
CA ASP A 17 4.44 6.81 3.69
C ASP A 17 4.95 5.66 2.82
N SER A 18 4.08 4.78 2.47
CA SER A 18 4.38 3.60 1.68
C SER A 18 4.94 3.87 0.24
N CYS A 19 4.45 4.92 -0.43
CA CYS A 19 4.87 5.24 -1.80
C CYS A 19 5.97 6.25 -1.85
N ASN A 20 6.53 6.59 -0.69
CA ASN A 20 7.53 7.64 -0.57
C ASN A 20 7.04 8.91 -1.24
N ASP A 21 5.82 9.33 -0.95
CA ASP A 21 5.26 10.49 -1.65
C ASP A 21 5.28 11.74 -0.76
N THR A 22 6.38 12.44 -0.79
CA THR A 22 6.53 13.71 -0.08
C THR A 22 5.44 14.78 -0.19
N ASP A 23 4.91 15.05 -1.37
CA ASP A 23 3.80 16.00 -1.49
C ASP A 23 2.60 15.60 -0.73
N ALA A 24 2.21 14.34 -0.93
CA ALA A 24 0.97 13.85 -0.35
C ALA A 24 1.13 13.86 1.17
N LEU A 25 2.27 13.39 1.62
CA LEU A 25 2.60 13.39 3.05
C LEU A 25 2.57 14.79 3.67
N SER A 26 3.15 15.78 3.02
CA SER A 26 3.15 17.14 3.56
C SER A 26 1.74 17.70 3.70
N GLU A 27 0.88 17.40 2.74
CA GLU A 27 -0.51 17.91 2.72
C GLU A 27 -1.43 17.14 3.71
N THR A 28 -0.88 16.14 4.42
CA THR A 28 -1.65 15.31 5.33
C THR A 28 -1.79 15.91 6.74
N PHE A 29 -0.81 16.70 7.16
CA PHE A 29 -0.75 17.31 8.49
C PHE A 29 -1.16 18.75 8.55
N ALA A 30 -1.75 19.15 9.68
CA ALA A 30 -2.10 20.54 9.95
C ALA A 30 -0.82 21.31 10.04
N PRO A 31 -0.84 22.62 9.74
CA PRO A 31 0.42 23.38 9.83
C PRO A 31 1.07 23.36 11.24
N ASP A 32 0.21 23.32 12.27
CA ASP A 32 0.60 23.33 13.67
C ASP A 32 0.82 21.91 14.25
N ALA A 33 0.99 20.89 13.40
CA ALA A 33 0.89 19.50 13.86
C ALA A 33 2.12 19.04 14.62
N VAL A 34 1.94 18.00 15.43
CA VAL A 34 3.02 17.38 16.18
C VAL A 34 3.08 15.87 15.93
N VAL A 35 4.31 15.37 15.80
CA VAL A 35 4.62 13.98 15.79
C VAL A 35 5.59 13.73 16.95
N GLU A 36 5.22 12.76 17.81
CA GLU A 36 6.11 12.19 18.82
C GLU A 36 6.51 10.77 18.45
N ASP A 37 7.81 10.52 18.33
CA ASP A 37 8.34 9.20 17.92
C ASP A 37 9.76 9.03 18.46
N GLU A 38 10.12 7.80 18.81
CA GLU A 38 11.51 7.39 19.14
C GLU A 38 12.19 8.34 20.14
N GLY A 39 11.49 8.67 21.24
CA GLY A 39 12.05 9.54 22.30
C GLY A 39 12.08 11.03 21.96
N ALA A 40 11.38 11.45 20.90
CA ALA A 40 11.46 12.83 20.41
C ALA A 40 10.18 13.41 19.87
N ARG A 41 10.19 14.73 19.78
CA ARG A 41 9.02 15.53 19.45
C ARG A 41 9.35 16.41 18.26
N HIS A 42 8.51 16.38 17.23
CA HIS A 42 8.69 17.20 16.07
C HIS A 42 7.46 18.10 15.85
N GLN A 43 7.65 19.41 15.87
CA GLN A 43 6.51 20.33 15.74
C GLN A 43 6.60 21.14 14.44
N GLY A 44 5.47 21.32 13.73
CA GLY A 44 5.46 22.02 12.47
C GLY A 44 5.75 21.07 11.32
N VAL A 45 5.17 21.37 10.15
CA VAL A 45 5.35 20.50 9.00
C VAL A 45 6.81 20.40 8.55
N VAL A 46 7.62 21.40 8.80
CA VAL A 46 9.01 21.29 8.35
C VAL A 46 9.76 20.17 9.10
N ALA A 47 9.66 20.21 10.44
CA ALA A 47 10.27 19.17 11.29
C ALA A 47 9.69 17.79 10.96
N ILE A 48 8.40 17.73 10.68
CA ILE A 48 7.83 16.45 10.41
C ILE A 48 8.45 15.84 9.13
N LEU A 49 8.59 16.66 8.09
CA LEU A 49 9.21 16.17 6.87
C LEU A 49 10.64 15.72 7.12
N ARG A 50 11.35 16.45 7.96
CA ARG A 50 12.76 16.11 8.25
C ARG A 50 12.79 14.77 8.90
N TRP A 51 11.87 14.59 9.82
CA TRP A 51 11.80 13.40 10.57
C TRP A 51 11.50 12.19 9.67
N TRP A 52 10.54 12.36 8.75
CA TRP A 52 10.10 11.30 7.85
C TRP A 52 11.22 10.91 6.87
N VAL A 53 11.91 11.90 6.33
CA VAL A 53 13.05 11.65 5.46
C VAL A 53 14.21 10.87 6.16
N ALA A 54 14.64 11.32 7.35
CA ALA A 54 15.69 10.62 8.09
C ALA A 54 15.32 9.14 8.43
N ALA A 55 14.07 8.90 8.79
CA ALA A 55 13.67 7.58 9.14
C ALA A 55 13.69 6.66 7.94
N LYS A 56 13.34 7.18 6.78
CA LYS A 56 13.40 6.40 5.55
C LYS A 56 14.81 6.05 5.19
N LYS A 57 15.73 7.01 5.28
CA LYS A 57 17.17 6.74 5.02
C LYS A 57 17.74 5.76 6.03
N ALA A 58 17.42 5.97 7.32
CA ALA A 58 17.90 5.14 8.41
C ALA A 58 17.49 3.69 8.21
N ALA A 59 16.21 3.43 7.89
CA ALA A 59 15.79 2.03 7.91
C ALA A 59 15.11 1.45 6.66
N SER A 60 14.76 2.30 5.66
CA SER A 60 13.97 1.84 4.49
C SER A 60 12.78 0.97 4.92
N TYR A 61 12.01 1.46 5.88
CA TYR A 61 10.98 0.64 6.53
C TYR A 61 9.70 0.55 5.70
N VAL A 62 8.92 -0.47 6.00
CA VAL A 62 7.56 -0.59 5.59
C VAL A 62 6.66 -0.61 6.89
N ALA A 63 5.67 0.29 7.01
CA ALA A 63 4.61 0.26 8.02
C ALA A 63 3.33 -0.28 7.42
N GLU A 64 2.82 -1.39 7.93
CA GLU A 64 1.66 -2.03 7.36
C GLU A 64 0.53 -2.03 8.40
N PRO A 65 -0.54 -1.21 8.22
CA PRO A 65 -1.62 -1.26 9.19
C PRO A 65 -2.24 -2.66 9.31
N LEU A 66 -2.48 -3.12 10.55
CA LEU A 66 -3.03 -4.44 10.82
C LEU A 66 -4.44 -4.40 11.41
N GLU A 67 -4.72 -3.41 12.26
CA GLU A 67 -6.04 -3.24 12.81
C GLU A 67 -6.19 -1.86 13.31
N SER A 68 -7.43 -1.49 13.58
CA SER A 68 -7.72 -0.14 13.99
C SER A 68 -9.01 -0.02 14.81
N THR A 69 -9.07 1.02 15.63
CA THR A 69 -10.27 1.40 16.36
C THR A 69 -10.33 2.94 16.36
N VAL A 70 -11.50 3.51 16.13
CA VAL A 70 -11.67 4.95 16.16
C VAL A 70 -12.44 5.29 17.43
N ASP A 71 -11.98 6.28 18.18
CA ASP A 71 -12.73 6.79 19.34
C ASP A 71 -12.69 8.32 19.37
N GLY A 72 -13.77 8.94 18.87
CA GLY A 72 -13.92 10.39 18.87
C GLY A 72 -13.11 10.96 17.76
N ASP A 73 -12.37 12.03 18.08
CA ASP A 73 -11.39 12.63 17.16
C ASP A 73 -10.11 11.79 17.03
N LYS A 74 -9.94 10.74 17.85
CA LYS A 74 -8.75 9.88 17.82
C LYS A 74 -8.90 8.55 17.01
N ALA A 75 -7.84 8.21 16.26
CA ALA A 75 -7.74 6.91 15.58
C ALA A 75 -6.43 6.21 15.95
N LEU A 76 -6.59 4.95 16.37
CA LEU A 76 -5.51 4.13 16.89
C LEU A 76 -5.28 2.97 15.97
N VAL A 77 -4.07 2.88 15.43
CA VAL A 77 -3.74 1.90 14.44
C VAL A 77 -2.53 1.11 14.88
N ARG A 78 -2.67 -0.20 14.89
CA ARG A 78 -1.55 -1.08 15.11
C ARG A 78 -0.91 -1.33 13.76
N ALA A 79 0.42 -1.09 13.67
CA ALA A 79 1.08 -1.32 12.42
C ALA A 79 2.35 -2.14 12.56
N LYS A 80 2.54 -3.07 11.63
CA LYS A 80 3.73 -3.89 11.66
C LYS A 80 4.77 -3.07 10.93
N VAL A 81 5.86 -2.82 11.61
CA VAL A 81 6.97 -2.06 11.03
C VAL A 81 8.14 -3.01 10.78
N SER A 82 8.69 -2.94 9.59
CA SER A 82 9.61 -3.92 9.14
C SER A 82 10.73 -3.16 8.47
N GLY A 83 11.99 -3.55 8.69
CA GLY A 83 13.12 -2.91 7.96
C GLY A 83 14.51 -3.21 8.49
N ARG A 84 15.46 -2.39 8.06
CA ARG A 84 16.86 -2.48 8.46
C ARG A 84 17.06 -1.68 9.77
N PHE A 85 16.78 -2.34 10.89
CA PHE A 85 16.90 -1.75 12.21
C PHE A 85 16.86 -2.89 13.22
N PRO A 86 17.42 -2.67 14.41
CA PRO A 86 17.57 -3.78 15.37
C PRO A 86 16.24 -4.26 15.84
N GLY A 87 16.02 -5.56 15.76
CA GLY A 87 14.79 -6.18 16.26
C GLY A 87 13.61 -6.27 15.33
N SER A 88 13.74 -5.74 14.10
CA SER A 88 12.71 -5.85 13.06
C SER A 88 12.23 -7.32 12.90
N PRO A 89 10.93 -7.56 12.68
CA PRO A 89 9.87 -6.49 12.58
C PRO A 89 9.23 -6.25 13.96
N VAL A 90 8.66 -5.07 14.16
CA VAL A 90 8.05 -4.75 15.44
C VAL A 90 6.65 -4.18 15.22
N THR A 91 5.75 -4.42 16.16
CA THR A 91 4.41 -3.92 16.03
C THR A 91 4.23 -2.70 16.88
N LEU A 92 3.66 -1.64 16.32
CA LEU A 92 3.54 -0.34 17.00
C LEU A 92 2.14 0.20 16.90
N THR A 93 1.81 1.08 17.83
CA THR A 93 0.56 1.78 17.81
C THR A 93 0.75 3.20 17.37
N TYR A 94 0.08 3.54 16.27
CA TYR A 94 0.02 4.91 15.76
C TYR A 94 -1.28 5.60 16.24
N SER A 95 -1.18 6.59 17.12
CA SER A 95 -2.36 7.33 17.57
C SER A 95 -2.48 8.64 16.89
N PHE A 96 -3.49 8.77 16.08
CA PHE A 96 -3.67 9.96 15.27
C PHE A 96 -4.77 10.83 15.86
N THR A 97 -4.55 12.13 15.93
CA THR A 97 -5.59 13.08 16.26
C THR A 97 -5.86 13.92 15.04
N ILE A 98 -7.14 13.99 14.73
CA ILE A 98 -7.68 14.56 13.53
C ILE A 98 -8.46 15.83 13.90
N LYS A 99 -8.03 16.99 13.43
CA LYS A 99 -8.79 18.22 13.59
C LYS A 99 -8.98 18.75 12.20
N ASP A 100 -10.22 18.73 11.72
CA ASP A 100 -10.61 19.38 10.45
C ASP A 100 -10.02 18.73 9.19
N GLY A 101 -10.19 17.41 9.10
CA GLY A 101 -9.74 16.69 7.92
C GLY A 101 -8.23 16.68 7.72
N ARG A 102 -7.47 17.09 8.74
CA ARG A 102 -6.02 16.98 8.77
C ARG A 102 -5.58 16.30 10.03
N ILE A 103 -4.31 15.97 10.10
CA ILE A 103 -3.79 15.39 11.32
C ILE A 103 -3.20 16.50 12.20
N ALA A 104 -3.67 16.59 13.44
CA ALA A 104 -3.15 17.58 14.39
C ALA A 104 -2.09 16.98 15.24
N ARG A 105 -2.12 15.65 15.39
CA ARG A 105 -1.13 14.99 16.22
C ARG A 105 -1.00 13.50 15.87
N LEU A 106 0.22 12.99 15.98
CA LEU A 106 0.47 11.60 15.76
C LEU A 106 1.51 11.17 16.77
N GLU A 107 1.17 10.24 17.66
CA GLU A 107 2.11 9.64 18.62
C GLU A 107 2.37 8.20 18.21
N ILE A 108 3.64 7.85 18.09
CA ILE A 108 4.03 6.50 17.75
C ILE A 108 4.72 5.93 18.94
N GLN A 109 4.15 4.84 19.48
CA GLN A 109 4.53 4.19 20.76
C GLN A 109 4.61 2.64 20.61
N PHE B 1 -5.06 -11.83 7.70
CA PHE B 1 -4.10 -11.69 6.55
C PHE B 1 -3.05 -10.56 6.75
N GLN B 2 -1.90 -10.76 6.13
CA GLN B 2 -0.76 -9.87 6.25
C GLN B 2 0.08 -9.95 4.99
N SER B 3 0.69 -8.84 4.59
CA SER B 3 1.64 -8.84 3.45
C SER B 3 2.60 -10.00 3.43
N MSE B 4 3.24 -10.27 4.57
CA MSE B 4 4.26 -11.31 4.62
C MSE B 4 3.72 -12.67 4.20
O MSE B 4 4.51 -13.53 3.85
CB MSE B 4 4.96 -11.35 5.98
CG MSE B 4 3.99 -11.48 7.17
SE MSE B 4 4.75 -12.52 8.69
CE MSE B 4 5.44 -11.28 10.06
N ASP B 5 2.40 -12.87 4.18
CA ASP B 5 1.80 -14.12 3.69
C ASP B 5 1.98 -14.31 2.21
N LEU B 6 2.30 -13.23 1.49
CA LEU B 6 2.39 -13.31 0.03
C LEU B 6 3.81 -13.59 -0.37
N PRO B 7 4.03 -14.30 -1.51
CA PRO B 7 5.38 -14.36 -2.15
C PRO B 7 5.92 -12.95 -2.48
N ASP B 8 7.22 -12.74 -2.32
CA ASP B 8 7.75 -11.41 -2.53
C ASP B 8 7.27 -10.80 -3.83
N ILE B 9 7.22 -11.61 -4.88
CA ILE B 9 6.91 -11.11 -6.20
C ILE B 9 5.43 -10.62 -6.37
N VAL B 10 4.50 -11.27 -5.72
CA VAL B 10 3.10 -10.86 -5.72
C VAL B 10 2.99 -9.56 -4.97
N ASN B 11 3.70 -9.49 -3.87
CA ASN B 11 3.71 -8.25 -3.12
C ASN B 11 4.25 -7.05 -3.91
N MSE B 12 5.24 -7.29 -4.76
CA MSE B 12 5.81 -6.26 -5.61
C MSE B 12 4.80 -5.80 -6.65
O MSE B 12 4.67 -4.62 -6.90
CB MSE B 12 7.03 -6.85 -6.27
CG MSE B 12 7.85 -5.85 -7.06
SE MSE B 12 9.36 -6.74 -8.01
CE MSE B 12 10.21 -7.59 -6.40
N TYR B 13 4.06 -6.73 -7.22
CA TYR B 13 2.92 -6.37 -8.07
C TYR B 13 1.98 -5.34 -7.41
N PHE B 14 1.47 -5.65 -6.24
CA PHE B 14 0.47 -4.77 -5.61
C PHE B 14 1.05 -3.45 -5.15
N ASP B 15 2.32 -3.43 -4.74
CA ASP B 15 2.97 -2.17 -4.27
C ASP B 15 3.11 -1.20 -5.42
N ALA B 16 3.49 -1.78 -6.54
CA ALA B 16 3.71 -1.06 -7.75
C ALA B 16 2.40 -0.59 -8.34
N ASP B 17 1.42 -1.49 -8.42
CA ASP B 17 0.08 -1.15 -8.86
C ASP B 17 -0.39 0.03 -8.01
N SER B 18 -0.31 -0.13 -6.72
CA SER B 18 -0.76 0.89 -5.80
C SER B 18 0.03 2.26 -5.83
N CYS B 19 1.33 2.22 -6.14
CA CYS B 19 2.14 3.44 -6.18
C CYS B 19 2.25 4.01 -7.56
N ASN B 20 1.49 3.46 -8.52
CA ASN B 20 1.63 3.84 -9.95
C ASN B 20 3.07 3.80 -10.45
N ASP B 21 3.79 2.73 -10.16
CA ASP B 21 5.22 2.66 -10.46
C ASP B 21 5.49 1.77 -11.68
N THR B 22 5.40 2.36 -12.84
CA THR B 22 5.66 1.69 -14.10
C THR B 22 6.93 0.83 -14.20
N ASP B 23 8.07 1.33 -13.72
CA ASP B 23 9.29 0.52 -13.77
C ASP B 23 9.17 -0.78 -13.01
N ALA B 24 8.68 -0.65 -11.79
CA ALA B 24 8.63 -1.76 -10.89
C ALA B 24 7.64 -2.78 -11.45
N LEU B 25 6.51 -2.28 -11.91
CA LEU B 25 5.51 -3.12 -12.57
C LEU B 25 6.05 -3.87 -13.79
N SER B 26 6.76 -3.18 -14.68
CA SER B 26 7.33 -3.84 -15.86
C SER B 26 8.30 -4.98 -15.48
N GLU B 27 9.09 -4.78 -14.42
CA GLU B 27 10.11 -5.76 -13.95
C GLU B 27 9.51 -6.96 -13.22
N THR B 28 8.20 -6.91 -13.02
CA THR B 28 7.50 -7.92 -12.26
C THR B 28 7.09 -9.18 -13.08
N PHE B 29 6.84 -9.00 -14.37
CA PHE B 29 6.41 -10.05 -15.25
C PHE B 29 7.50 -10.65 -16.09
N ALA B 30 7.35 -11.94 -16.42
CA ALA B 30 8.22 -12.62 -17.37
C ALA B 30 8.04 -11.99 -18.75
N PRO B 31 9.07 -12.07 -19.62
CA PRO B 31 8.92 -11.47 -20.97
C PRO B 31 7.73 -12.06 -21.79
N ASP B 32 7.49 -13.35 -21.57
CA ASP B 32 6.46 -14.12 -22.24
C ASP B 32 5.11 -14.13 -21.46
N ALA B 33 4.89 -13.19 -20.55
CA ALA B 33 3.80 -13.34 -19.60
C ALA B 33 2.46 -13.05 -20.20
N VAL B 34 1.42 -13.57 -19.55
CA VAL B 34 0.04 -13.33 -19.96
C VAL B 34 -0.80 -12.82 -18.80
N VAL B 35 -1.62 -11.82 -19.12
CA VAL B 35 -2.65 -11.34 -18.24
C VAL B 35 -3.97 -11.53 -18.97
N GLU B 36 -4.90 -12.21 -18.29
CA GLU B 36 -6.32 -12.28 -18.72
C GLU B 36 -7.23 -11.47 -17.76
N ASP B 37 -7.93 -10.47 -18.29
CA ASP B 37 -8.76 -9.56 -17.48
C ASP B 37 -9.82 -8.97 -18.37
N GLU B 38 -11.00 -8.75 -17.80
CA GLU B 38 -12.09 -7.96 -18.46
C GLU B 38 -12.42 -8.42 -19.90
N GLY B 39 -12.55 -9.73 -20.11
CA GLY B 39 -12.93 -10.30 -21.41
C GLY B 39 -11.79 -10.38 -22.40
N ALA B 40 -10.55 -10.18 -21.93
CA ALA B 40 -9.39 -10.04 -22.86
C ALA B 40 -8.08 -10.62 -22.35
N ARG B 41 -7.18 -10.81 -23.31
CA ARG B 41 -5.93 -11.51 -23.13
C ARG B 41 -4.80 -10.63 -23.64
N HIS B 42 -3.81 -10.39 -22.79
CA HIS B 42 -2.71 -9.55 -23.14
C HIS B 42 -1.42 -10.36 -22.99
N GLN B 43 -0.66 -10.47 -24.06
CA GLN B 43 0.55 -11.29 -24.05
C GLN B 43 1.76 -10.41 -24.31
N GLY B 44 2.83 -10.64 -23.55
CA GLY B 44 4.04 -9.85 -23.67
C GLY B 44 3.98 -8.63 -22.79
N VAL B 45 5.14 -8.21 -22.31
CA VAL B 45 5.21 -7.10 -21.38
C VAL B 45 4.72 -5.77 -22.00
N VAL B 46 4.83 -5.60 -23.30
CA VAL B 46 4.31 -4.37 -23.89
C VAL B 46 2.78 -4.25 -23.75
N ALA B 47 2.06 -5.32 -24.12
CA ALA B 47 0.56 -5.39 -23.99
C ALA B 47 0.13 -5.31 -22.54
N ILE B 48 0.87 -5.93 -21.66
CA ILE B 48 0.53 -5.82 -20.27
C ILE B 48 0.64 -4.36 -19.76
N LEU B 49 1.71 -3.66 -20.10
CA LEU B 49 1.83 -2.23 -19.74
C LEU B 49 0.69 -1.37 -20.33
N ARG B 50 0.31 -1.67 -21.58
CA ARG B 50 -0.77 -0.93 -22.23
C ARG B 50 -2.03 -1.16 -21.46
N TRP B 51 -2.24 -2.40 -21.09
CA TRP B 51 -3.42 -2.80 -20.34
C TRP B 51 -3.51 -2.10 -18.98
N TRP B 52 -2.37 -2.07 -18.26
CA TRP B 52 -2.30 -1.47 -16.91
C TRP B 52 -2.47 0.08 -16.95
N VAL B 53 -1.87 0.72 -17.95
CA VAL B 53 -2.03 2.17 -18.15
C VAL B 53 -3.50 2.55 -18.45
N ALA B 54 -4.14 1.85 -19.39
CA ALA B 54 -5.55 2.13 -19.71
C ALA B 54 -6.49 1.93 -18.51
N ALA B 55 -6.26 0.89 -17.72
CA ALA B 55 -7.15 0.60 -16.61
C ALA B 55 -7.02 1.67 -15.54
N LYS B 56 -5.84 2.19 -15.34
CA LYS B 56 -5.63 3.33 -14.45
C LYS B 56 -6.30 4.60 -14.92
N LYS B 57 -6.19 4.93 -16.21
CA LYS B 57 -6.92 6.12 -16.79
C LYS B 57 -8.43 5.93 -16.75
N ALA B 58 -8.92 4.74 -17.12
CA ALA B 58 -10.33 4.42 -17.12
C ALA B 58 -10.93 4.58 -15.74
N ALA B 59 -10.28 4.04 -14.68
CA ALA B 59 -10.96 4.01 -13.35
C ALA B 59 -10.25 4.57 -12.11
N SER B 60 -8.96 4.90 -12.23
CA SER B 60 -8.17 5.36 -11.06
C SER B 60 -8.39 4.44 -9.85
N TYR B 61 -8.26 3.14 -10.07
CA TYR B 61 -8.65 2.15 -9.04
C TYR B 61 -7.60 1.93 -7.97
N VAL B 62 -8.03 1.40 -6.84
CA VAL B 62 -7.18 0.86 -5.79
C VAL B 62 -7.55 -0.66 -5.67
N ALA B 63 -6.57 -1.54 -5.81
CA ALA B 63 -6.68 -2.99 -5.45
C ALA B 63 -6.02 -3.30 -4.08
N GLU B 64 -6.79 -3.77 -3.11
CA GLU B 64 -6.26 -3.96 -1.78
C GLU B 64 -6.35 -5.47 -1.43
N PRO B 65 -5.22 -6.20 -1.35
CA PRO B 65 -5.30 -7.61 -0.96
C PRO B 65 -5.94 -7.81 0.41
N LEU B 66 -6.84 -8.80 0.53
CA LEU B 66 -7.58 -9.08 1.75
C LEU B 66 -7.28 -10.42 2.33
N GLU B 67 -6.99 -11.40 1.48
CA GLU B 67 -6.52 -12.69 1.95
C GLU B 67 -5.86 -13.44 0.83
N SER B 68 -5.18 -14.52 1.19
CA SER B 68 -4.44 -15.26 0.21
C SER B 68 -4.23 -16.72 0.59
N THR B 69 -3.98 -17.54 -0.42
CA THR B 69 -3.57 -18.93 -0.25
C THR B 69 -2.55 -19.26 -1.38
N VAL B 70 -1.47 -19.95 -1.05
CA VAL B 70 -0.46 -20.32 -2.03
C VAL B 70 -0.48 -21.82 -2.24
N ASP B 71 -0.68 -22.27 -3.47
CA ASP B 71 -0.76 -23.69 -3.81
C ASP B 71 0.19 -23.99 -5.00
N GLY B 72 1.41 -24.42 -4.69
CA GLY B 72 2.41 -24.81 -5.69
C GLY B 72 3.08 -23.59 -6.26
N ASP B 73 3.18 -23.56 -7.59
CA ASP B 73 3.64 -22.37 -8.33
C ASP B 73 2.51 -21.31 -8.40
N LYS B 74 1.29 -21.62 -7.96
CA LYS B 74 0.16 -20.65 -7.95
C LYS B 74 -0.08 -19.90 -6.62
N ALA B 75 -0.37 -18.60 -6.73
CA ALA B 75 -0.85 -17.80 -5.60
C ALA B 75 -2.19 -17.12 -5.94
N LEU B 76 -3.15 -17.30 -5.03
CA LEU B 76 -4.54 -16.83 -5.21
C LEU B 76 -4.83 -15.76 -4.18
N VAL B 77 -5.17 -14.58 -4.65
CA VAL B 77 -5.35 -13.44 -3.77
C VAL B 77 -6.75 -12.86 -4.02
N ARG B 78 -7.51 -12.69 -2.95
CA ARG B 78 -8.76 -11.95 -3.01
C ARG B 78 -8.44 -10.47 -2.77
N ALA B 79 -8.91 -9.60 -3.68
CA ALA B 79 -8.63 -8.21 -3.50
C ALA B 79 -9.85 -7.33 -3.68
N LYS B 80 -9.98 -6.34 -2.80
CA LYS B 80 -11.06 -5.40 -2.93
C LYS B 80 -10.60 -4.36 -3.96
N VAL B 81 -11.40 -4.19 -5.00
CA VAL B 81 -11.14 -3.23 -6.03
C VAL B 81 -12.14 -2.11 -5.99
N SER B 82 -11.66 -0.90 -5.96
CA SER B 82 -12.47 0.22 -5.61
C SER B 82 -12.13 1.33 -6.63
N GLY B 83 -13.12 2.06 -7.12
CA GLY B 83 -12.85 3.19 -8.04
C GLY B 83 -14.03 3.75 -8.80
N ARG B 84 -13.70 4.50 -9.86
CA ARG B 84 -14.66 5.15 -10.72
C ARG B 84 -15.05 4.17 -11.85
N PHE B 85 -15.99 3.30 -11.53
CA PHE B 85 -16.45 2.27 -12.45
C PHE B 85 -17.78 1.73 -11.92
N PRO B 86 -18.62 1.23 -12.82
CA PRO B 86 -19.94 0.83 -12.41
C PRO B 86 -19.85 -0.33 -11.41
N GLY B 87 -20.57 -0.21 -10.31
CA GLY B 87 -20.62 -1.30 -9.30
C GLY B 87 -19.57 -1.31 -8.23
N SER B 88 -18.60 -0.39 -8.29
CA SER B 88 -17.54 -0.27 -7.27
C SER B 88 -18.12 -0.14 -5.84
N PRO B 89 -17.49 -0.76 -4.83
CA PRO B 89 -16.30 -1.58 -4.99
C PRO B 89 -16.67 -3.07 -5.23
N VAL B 90 -15.77 -3.86 -5.77
CA VAL B 90 -16.04 -5.28 -6.02
C VAL B 90 -14.82 -6.13 -5.56
N THR B 91 -15.07 -7.37 -5.17
CA THR B 91 -14.02 -8.23 -4.71
C THR B 91 -13.66 -9.21 -5.77
N LEU B 92 -12.37 -9.37 -6.05
CA LEU B 92 -11.91 -10.18 -7.16
C LEU B 92 -10.83 -11.16 -6.70
N THR B 93 -10.67 -12.23 -7.47
CA THR B 93 -9.59 -13.14 -7.27
C THR B 93 -8.50 -12.93 -8.32
N TYR B 94 -7.29 -12.60 -7.85
CA TYR B 94 -6.11 -12.54 -8.67
C TYR B 94 -5.32 -13.86 -8.58
N SER B 95 -5.28 -14.65 -9.67
CA SER B 95 -4.50 -15.90 -9.67
C SER B 95 -3.18 -15.73 -10.38
N PHE B 96 -2.11 -15.81 -9.63
CA PHE B 96 -0.80 -15.54 -10.16
C PHE B 96 -0.08 -16.86 -10.37
N THR B 97 0.59 -17.02 -11.52
CA THR B 97 1.54 -18.12 -11.74
C THR B 97 2.95 -17.56 -11.86
N ILE B 98 3.82 -18.16 -11.06
CA ILE B 98 5.16 -17.70 -10.80
C ILE B 98 6.11 -18.70 -11.43
N LYS B 99 6.88 -18.28 -12.42
CA LYS B 99 7.93 -19.13 -12.98
C LYS B 99 9.18 -18.32 -12.91
N ASP B 100 10.12 -18.79 -12.10
CA ASP B 100 11.48 -18.30 -12.12
C ASP B 100 11.61 -16.90 -11.52
N GLY B 101 11.00 -16.71 -10.35
CA GLY B 101 11.03 -15.42 -9.68
C GLY B 101 10.28 -14.26 -10.37
N ARG B 102 9.52 -14.55 -11.42
CA ARG B 102 8.68 -13.59 -12.12
C ARG B 102 7.28 -14.08 -12.23
N ILE B 103 6.39 -13.25 -12.71
CA ILE B 103 5.03 -13.70 -12.97
C ILE B 103 4.88 -14.16 -14.42
N ALA B 104 4.45 -15.41 -14.61
CA ALA B 104 4.27 -15.96 -15.95
C ALA B 104 2.87 -15.75 -16.39
N ARG B 105 1.96 -15.64 -15.42
CA ARG B 105 0.55 -15.53 -15.75
C ARG B 105 -0.23 -14.93 -14.61
N LEU B 106 -1.25 -14.14 -14.96
CA LEU B 106 -2.12 -13.54 -13.97
C LEU B 106 -3.49 -13.54 -14.54
N GLU B 107 -4.44 -14.23 -13.91
CA GLU B 107 -5.86 -14.23 -14.31
C GLU B 107 -6.63 -13.44 -13.28
N ILE B 108 -7.42 -12.49 -13.74
CA ILE B 108 -8.23 -11.72 -12.85
C ILE B 108 -9.64 -12.03 -13.19
N GLN B 109 -10.37 -12.52 -12.18
CA GLN B 109 -11.73 -13.11 -12.28
C GLN B 109 -12.67 -12.69 -11.14
#